data_6AUM
#
_entry.id   6AUM
#
_cell.length_a   92.713
_cell.length_b   92.713
_cell.length_c   243.736
_cell.angle_alpha   90.00
_cell.angle_beta   90.00
_cell.angle_gamma   120.00
#
_symmetry.space_group_name_H-M   'P 65 2 2'
#
loop_
_entity.id
_entity.type
_entity.pdbx_description
1 polymer 'Bifunctional epoxide hydrolase 2'
2 non-polymer 'PHOSPHATE ION'
3 non-polymer 'MAGNESIUM ION'
4 non-polymer '4-{[trans-4-({[4-(trifluoromethoxy)phenyl]carbamoyl}amino)cyclohexyl]oxy}benzoic acid'
5 non-polymer 'CHLORIDE ION'
6 water water
#
_entity_poly.entity_id   1
_entity_poly.type   'polypeptide(L)'
_entity_poly.pdbx_seq_one_letter_code
;MTLRAAVFDLDGVLALPAVFGVLGRTEEALALPRGLLNDAFQKGGPEGATTRLMKGEITLSQWIPLMEENCRKCSETAKV
CLPKNFSIKEIFDKAISARKINRPMLQAALMLRKKGFTTAILTNTWLDDRAERDGLAQLMCELKMHFDFLIESCQVGMVK
PEPQIYKFLLDTLKASPSEVVFLDDIGANLKPARDLGMVTILVQDTDTALKELEKVTGIQLLNTPAPLPTSCNPSDMSHG
YVTVKPRVRLHFVELGSGPAVCLCHGFPESWYSWRYQIPALAQAGYRVLAMDMKGYGESSAPPEIEEYCMEVLCKEMVTF
LDKLGLSQAVFIGHDWGGMLVWYMALFYPERVRAVASLNTPFIPANPNMSPLESIKANPVFDYQLYFQEPGVAEAELEQN
LSRTFKSLFRASDESVLSMHKVCEAGGLFVNSPEEPSLSRMVTEEEIQFYVQQFKKSGFRGPLNWYRNMERNWKWACKSL
GRKILIPALMVTAEKDFVLVPQMSQHMEDWIPHLKRGHIEDCGHWTQMDKPTEVNQILIKWLDSDARNPPVVSKM
;
_entity_poly.pdbx_strand_id   A
#
# COMPACT_ATOMS: atom_id res chain seq x y z
N THR A 2 -24.76 5.98 23.75
CA THR A 2 -23.56 6.32 22.93
C THR A 2 -23.51 5.42 21.69
N LEU A 3 -22.66 5.83 20.76
CA LEU A 3 -22.72 5.37 19.40
C LEU A 3 -21.49 4.62 19.00
N ARG A 4 -21.66 3.66 18.10
CA ARG A 4 -20.58 2.80 17.61
C ARG A 4 -20.62 2.60 16.08
N ALA A 5 -21.17 3.61 15.38
CA ALA A 5 -21.21 3.61 13.91
C ALA A 5 -21.08 5.04 13.37
N ALA A 6 -20.61 5.13 12.13
CA ALA A 6 -20.33 6.43 11.52
C ALA A 6 -20.44 6.31 10.02
N VAL A 7 -21.34 7.10 9.43
CA VAL A 7 -21.66 7.00 8.02
C VAL A 7 -21.29 8.30 7.32
N PHE A 8 -20.54 8.20 6.22
CA PHE A 8 -20.04 9.37 5.49
C PHE A 8 -20.67 9.50 4.10
N ASP A 9 -21.08 10.71 3.77
CA ASP A 9 -21.51 11.09 2.42
C ASP A 9 -20.27 11.05 1.53
N LEU A 10 -20.42 10.81 0.23
CA LEU A 10 -19.27 10.86 -0.69
C LEU A 10 -19.04 12.31 -1.17
N ASP A 11 -19.90 12.77 -2.08
CA ASP A 11 -19.68 14.02 -2.77
C ASP A 11 -19.81 15.17 -1.78
N GLY A 12 -18.72 15.93 -1.64
CA GLY A 12 -18.65 17.03 -0.70
C GLY A 12 -18.25 16.67 0.71
N VAL A 13 -17.94 15.40 0.98
CA VAL A 13 -17.58 14.96 2.34
C VAL A 13 -16.33 14.09 2.32
N LEU A 14 -16.41 12.87 1.77
CA LEU A 14 -15.19 12.06 1.54
C LEU A 14 -14.40 12.46 0.28
N ALA A 15 -15.05 13.18 -0.63
CA ALA A 15 -14.40 13.63 -1.86
C ALA A 15 -14.69 15.11 -2.13
N LEU A 16 -13.64 15.86 -2.49
CA LEU A 16 -13.70 17.31 -2.80
C LEU A 16 -12.82 17.68 -4.01
N PRO A 17 -13.11 18.77 -4.73
CA PRO A 17 -14.33 19.61 -4.58
C PRO A 17 -15.61 18.89 -5.07
N ALA A 18 -16.77 19.31 -4.57
CA ALA A 18 -18.03 18.60 -4.83
C ALA A 18 -18.60 18.89 -6.22
N VAL A 19 -19.14 17.87 -6.87
CA VAL A 19 -19.66 18.00 -8.25
C VAL A 19 -20.86 18.96 -8.32
N PHE A 20 -21.69 19.00 -7.29
CA PHE A 20 -22.78 20.00 -7.23
C PHE A 20 -22.23 21.45 -7.38
N GLY A 21 -21.05 21.69 -6.80
CA GLY A 21 -20.33 22.96 -6.95
C GLY A 21 -19.93 23.36 -8.36
N VAL A 22 -19.85 22.37 -9.26
CA VAL A 22 -19.65 22.62 -10.69
C VAL A 22 -20.87 23.22 -11.37
N LEU A 23 -22.06 22.81 -10.92
CA LEU A 23 -23.30 23.42 -11.41
C LEU A 23 -23.23 24.93 -11.17
N GLY A 24 -22.93 25.31 -9.93
CA GLY A 24 -22.74 26.73 -9.57
C GLY A 24 -21.56 27.38 -10.28
N ARG A 25 -20.43 26.66 -10.33
CA ARG A 25 -19.21 27.17 -10.95
C ARG A 25 -19.37 27.48 -12.44
N THR A 26 -19.86 26.50 -13.19
CA THR A 26 -20.08 26.66 -14.64
C THR A 26 -20.95 27.89 -14.97
N GLU A 27 -22.07 28.04 -14.24
CA GLU A 27 -22.99 29.17 -14.40
C GLU A 27 -22.26 30.51 -14.35
N GLU A 28 -21.53 30.71 -13.25
CA GLU A 28 -20.78 31.93 -13.01
C GLU A 28 -19.75 32.14 -14.14
N ALA A 29 -18.99 31.08 -14.44
CA ALA A 29 -17.95 31.08 -15.48
C ALA A 29 -18.44 31.54 -16.86
N LEU A 30 -19.55 30.96 -17.33
CA LEU A 30 -20.12 31.27 -18.65
C LEU A 30 -21.16 32.38 -18.65
N ALA A 31 -21.38 33.05 -17.51
CA ALA A 31 -22.37 34.12 -17.39
C ALA A 31 -23.81 33.65 -17.71
N LEU A 32 -24.19 32.51 -17.11
CA LEU A 32 -25.55 31.98 -17.23
C LEU A 32 -26.38 32.48 -16.06
N PRO A 33 -27.73 32.53 -16.24
CA PRO A 33 -28.59 32.94 -15.14
C PRO A 33 -28.45 32.03 -13.94
N ARG A 34 -28.34 32.62 -12.77
CA ARG A 34 -28.12 31.87 -11.55
C ARG A 34 -29.21 30.81 -11.37
N GLY A 35 -28.78 29.58 -11.11
CA GLY A 35 -29.67 28.43 -10.95
C GLY A 35 -29.98 27.62 -12.20
N LEU A 36 -29.76 28.18 -13.40
CA LEU A 36 -30.26 27.61 -14.65
C LEU A 36 -29.91 26.13 -14.84
N LEU A 37 -28.66 25.79 -14.56
CA LEU A 37 -28.20 24.41 -14.64
C LEU A 37 -28.82 23.53 -13.54
N ASN A 38 -28.83 24.07 -12.33
CA ASN A 38 -29.38 23.31 -11.20
C ASN A 38 -30.84 22.95 -11.39
N ASP A 39 -31.61 23.84 -12.04
CA ASP A 39 -33.01 23.58 -12.39
C ASP A 39 -33.06 22.38 -13.33
N ALA A 40 -32.27 22.45 -14.41
CA ALA A 40 -32.17 21.36 -15.40
C ALA A 40 -31.78 20.03 -14.75
N PHE A 41 -30.81 20.07 -13.83
CA PHE A 41 -30.42 18.91 -13.05
C PHE A 41 -31.60 18.32 -12.26
N GLN A 42 -32.35 19.18 -11.57
CA GLN A 42 -33.43 18.73 -10.68
C GLN A 42 -34.79 18.57 -11.36
N LYS A 43 -34.90 18.92 -12.65
CA LYS A 43 -36.18 18.90 -13.39
C LYS A 43 -36.98 17.60 -13.24
N GLY A 44 -38.14 17.69 -12.58
CA GLY A 44 -39.02 16.55 -12.38
C GLY A 44 -39.03 15.93 -10.99
N GLY A 45 -38.07 16.30 -10.14
CA GLY A 45 -38.00 15.81 -8.76
C GLY A 45 -37.72 14.32 -8.74
N PRO A 46 -38.51 13.52 -7.97
CA PRO A 46 -38.35 12.04 -8.02
C PRO A 46 -38.71 11.40 -9.36
N GLU A 47 -39.63 12.04 -10.08
CA GLU A 47 -40.07 11.59 -11.40
C GLU A 47 -39.09 12.01 -12.54
N GLY A 48 -38.17 12.94 -12.25
CA GLY A 48 -37.24 13.47 -13.24
C GLY A 48 -36.09 12.56 -13.66
N ALA A 49 -35.34 13.01 -14.66
CA ALA A 49 -34.26 12.22 -15.23
C ALA A 49 -33.11 11.92 -14.26
N THR A 50 -32.71 12.91 -13.47
CA THR A 50 -31.57 12.73 -12.55
C THR A 50 -31.88 11.69 -11.47
N THR A 51 -33.11 11.65 -10.99
CA THR A 51 -33.46 10.68 -9.95
C THR A 51 -33.42 9.28 -10.51
N ARG A 52 -33.99 9.09 -11.69
CA ARG A 52 -33.91 7.82 -12.42
C ARG A 52 -32.46 7.32 -12.51
N LEU A 53 -31.57 8.19 -13.00
CA LEU A 53 -30.12 7.92 -13.04
C LEU A 53 -29.60 7.41 -11.70
N MET A 54 -29.89 8.13 -10.63
CA MET A 54 -29.38 7.79 -9.27
C MET A 54 -29.97 6.49 -8.69
N LYS A 55 -31.15 6.12 -9.17
CA LYS A 55 -31.82 4.87 -8.82
C LYS A 55 -31.29 3.70 -9.64
N GLY A 56 -30.54 3.98 -10.70
CA GLY A 56 -29.90 2.95 -11.53
C GLY A 56 -30.79 2.38 -12.61
N GLU A 57 -31.76 3.17 -13.06
CA GLU A 57 -32.67 2.79 -14.14
C GLU A 57 -32.03 3.13 -15.45
N ILE A 58 -31.25 4.22 -15.43
CA ILE A 58 -30.42 4.63 -16.56
C ILE A 58 -28.95 4.90 -16.16
N THR A 59 -28.09 4.81 -17.17
CA THR A 59 -26.66 5.03 -17.03
C THR A 59 -26.34 6.50 -17.20
N LEU A 60 -25.08 6.86 -16.97
CA LEU A 60 -24.66 8.25 -17.09
C LEU A 60 -24.75 8.70 -18.53
N SER A 61 -24.14 7.96 -19.45
CA SER A 61 -24.22 8.28 -20.90
C SER A 61 -25.65 8.42 -21.39
N GLN A 62 -26.57 7.66 -20.79
CA GLN A 62 -28.01 7.77 -21.07
C GLN A 62 -28.59 9.08 -20.57
N TRP A 63 -28.21 9.48 -19.38
CA TRP A 63 -28.69 10.72 -18.77
C TRP A 63 -28.16 11.99 -19.47
N ILE A 64 -26.95 11.95 -20.03
CA ILE A 64 -26.28 13.15 -20.57
C ILE A 64 -27.18 13.98 -21.48
N PRO A 65 -27.82 13.35 -22.49
CA PRO A 65 -28.68 14.12 -23.38
C PRO A 65 -29.99 14.58 -22.77
N LEU A 66 -30.58 13.76 -21.89
CA LEU A 66 -31.78 14.16 -21.13
C LEU A 66 -31.57 15.44 -20.31
N MET A 67 -30.37 15.58 -19.76
CA MET A 67 -29.91 16.81 -19.12
C MET A 67 -29.73 17.98 -20.10
N GLU A 68 -29.05 17.74 -21.23
CA GLU A 68 -28.83 18.81 -22.23
C GLU A 68 -30.18 19.27 -22.77
N GLU A 69 -31.07 18.32 -22.96
CA GLU A 69 -32.42 18.61 -23.38
C GLU A 69 -33.17 19.45 -22.33
N ASN A 70 -33.00 19.15 -21.05
CA ASN A 70 -33.57 20.01 -19.98
C ASN A 70 -33.00 21.44 -19.99
N CYS A 71 -31.70 21.56 -20.27
CA CYS A 71 -31.01 22.85 -20.34
C CYS A 71 -31.52 23.75 -21.48
N ARG A 72 -31.87 23.18 -22.64
CA ARG A 72 -32.45 23.98 -23.74
C ARG A 72 -33.86 24.53 -23.41
N LYS A 73 -34.65 23.78 -22.64
CA LYS A 73 -36.00 24.26 -22.25
C LYS A 73 -36.05 25.02 -20.92
N CYS A 74 -35.08 24.77 -20.02
CA CYS A 74 -34.84 25.67 -18.86
C CYS A 74 -34.45 27.06 -19.33
N SER A 75 -33.58 27.12 -20.35
CA SER A 75 -33.10 28.40 -20.90
C SER A 75 -34.18 29.09 -21.75
N GLU A 76 -35.10 28.31 -22.33
CA GLU A 76 -36.22 28.91 -23.07
C GLU A 76 -37.15 29.71 -22.14
N THR A 77 -37.57 29.10 -21.02
CA THR A 77 -38.49 29.74 -20.05
C THR A 77 -37.91 31.00 -19.35
N ALA A 78 -36.60 30.98 -19.09
CA ALA A 78 -35.86 32.15 -18.58
C ALA A 78 -35.32 33.09 -19.68
N LYS A 79 -35.84 32.96 -20.91
CA LYS A 79 -35.53 33.81 -22.08
C LYS A 79 -34.05 34.17 -22.23
N VAL A 80 -33.26 33.13 -22.47
CA VAL A 80 -31.82 33.19 -22.76
C VAL A 80 -31.47 31.98 -23.65
N CYS A 81 -30.26 31.94 -24.20
CA CYS A 81 -29.74 30.69 -24.81
C CYS A 81 -28.28 30.47 -24.40
N LEU A 82 -27.76 29.28 -24.73
CA LEU A 82 -26.47 28.81 -24.23
C LEU A 82 -25.40 29.00 -25.32
N PRO A 83 -24.10 29.02 -24.94
CA PRO A 83 -23.05 29.15 -25.96
C PRO A 83 -22.97 27.97 -26.94
N LYS A 84 -22.28 28.20 -28.06
CA LYS A 84 -22.30 27.30 -29.23
C LYS A 84 -21.79 25.89 -28.97
N ASN A 85 -20.89 25.75 -28.00
CA ASN A 85 -20.26 24.46 -27.67
C ASN A 85 -20.40 24.11 -26.19
N PHE A 86 -21.51 24.55 -25.59
CA PHE A 86 -21.89 24.12 -24.25
C PHE A 86 -22.07 22.61 -24.29
N SER A 87 -21.17 21.88 -23.63
CA SER A 87 -21.16 20.43 -23.64
C SER A 87 -21.26 19.92 -22.21
N ILE A 88 -22.38 19.29 -21.88
CA ILE A 88 -22.60 18.75 -20.53
C ILE A 88 -21.69 17.56 -20.24
N LYS A 89 -21.33 16.78 -21.26
CA LYS A 89 -20.33 15.72 -21.07
C LYS A 89 -18.98 16.34 -20.67
N GLU A 90 -18.61 17.44 -21.31
CA GLU A 90 -17.34 18.13 -21.02
C GLU A 90 -17.32 18.77 -19.64
N ILE A 91 -18.48 19.24 -19.19
CA ILE A 91 -18.59 19.80 -17.84
C ILE A 91 -18.41 18.67 -16.81
N PHE A 92 -19.20 17.62 -16.92
CA PHE A 92 -19.12 16.51 -15.96
C PHE A 92 -17.85 15.64 -16.06
N ASP A 93 -17.21 15.57 -17.23
CA ASP A 93 -15.93 14.89 -17.34
C ASP A 93 -14.91 15.53 -16.42
N LYS A 94 -14.70 16.83 -16.60
CA LYS A 94 -13.73 17.59 -15.80
C LYS A 94 -14.06 17.63 -14.31
N ALA A 95 -15.32 17.89 -13.98
CA ALA A 95 -15.81 17.88 -12.59
C ALA A 95 -15.44 16.61 -11.81
N ILE A 96 -15.65 15.45 -12.44
CA ILE A 96 -15.49 14.15 -11.80
C ILE A 96 -14.02 13.80 -11.53
N SER A 97 -13.12 14.10 -12.48
CA SER A 97 -11.68 13.87 -12.30
C SER A 97 -11.07 14.93 -11.40
N ALA A 98 -11.55 16.18 -11.51
CA ALA A 98 -11.19 17.26 -10.57
C ALA A 98 -11.43 16.87 -9.11
N ARG A 99 -12.45 16.04 -8.88
CA ARG A 99 -12.74 15.46 -7.57
C ARG A 99 -11.59 14.59 -7.09
N LYS A 100 -11.11 14.87 -5.89
CA LYS A 100 -10.06 14.11 -5.19
C LYS A 100 -10.58 13.66 -3.82
N ILE A 101 -9.85 12.77 -3.14
CA ILE A 101 -10.23 12.33 -1.79
C ILE A 101 -9.94 13.47 -0.79
N ASN A 102 -10.91 13.77 0.06
CA ASN A 102 -10.73 14.67 1.19
C ASN A 102 -9.99 13.87 2.26
N ARG A 103 -8.67 14.07 2.31
CA ARG A 103 -7.79 13.27 3.16
C ARG A 103 -8.10 13.37 4.66
N PRO A 104 -8.32 14.59 5.20
CA PRO A 104 -8.68 14.68 6.62
C PRO A 104 -9.96 13.93 7.01
N MET A 105 -10.98 13.95 6.16
CA MET A 105 -12.19 13.19 6.42
C MET A 105 -11.94 11.66 6.42
N LEU A 106 -11.15 11.18 5.45
CA LEU A 106 -10.77 9.78 5.40
C LEU A 106 -9.98 9.35 6.62
N GLN A 107 -8.93 10.10 6.97
CA GLN A 107 -8.14 9.79 8.18
C GLN A 107 -9.02 9.72 9.43
N ALA A 108 -10.04 10.57 9.48
CA ALA A 108 -10.98 10.62 10.61
C ALA A 108 -11.85 9.39 10.67
N ALA A 109 -12.31 8.94 9.51
CA ALA A 109 -13.03 7.67 9.40
C ALA A 109 -12.14 6.47 9.77
N LEU A 110 -10.87 6.53 9.40
CA LEU A 110 -9.94 5.48 9.75
C LEU A 110 -9.74 5.39 11.26
N MET A 111 -9.45 6.52 11.88
CA MET A 111 -9.26 6.57 13.32
C MET A 111 -10.44 6.02 14.09
N LEU A 112 -11.64 6.40 13.67
CA LEU A 112 -12.86 5.93 14.32
C LEU A 112 -12.95 4.44 14.24
N ARG A 113 -12.75 3.88 13.05
CA ARG A 113 -12.81 2.43 12.86
C ARG A 113 -11.72 1.67 13.61
N LYS A 114 -10.51 2.23 13.58
CA LYS A 114 -9.38 1.74 14.37
C LYS A 114 -9.72 1.68 15.86
N LYS A 115 -10.53 2.63 16.34
CA LYS A 115 -11.07 2.60 17.72
C LYS A 115 -12.47 1.96 17.86
N GLY A 116 -12.79 1.01 16.97
CA GLY A 116 -13.97 0.15 17.12
C GLY A 116 -15.28 0.51 16.44
N PHE A 117 -15.32 1.58 15.63
CA PHE A 117 -16.56 1.99 14.93
C PHE A 117 -16.79 1.21 13.62
N THR A 118 -18.04 0.83 13.39
CA THR A 118 -18.44 0.29 12.09
C THR A 118 -18.71 1.48 11.18
N THR A 119 -18.02 1.53 10.03
CA THR A 119 -18.05 2.69 9.13
C THR A 119 -18.61 2.33 7.78
N ALA A 120 -19.32 3.29 7.16
CA ALA A 120 -19.92 3.07 5.85
C ALA A 120 -19.99 4.34 5.01
N ILE A 121 -19.99 4.18 3.70
CA ILE A 121 -20.30 5.27 2.76
C ILE A 121 -21.76 5.15 2.38
N LEU A 122 -22.43 6.29 2.33
CA LEU A 122 -23.79 6.39 1.82
C LEU A 122 -23.82 7.53 0.81
N THR A 123 -23.95 7.16 -0.47
CA THR A 123 -23.81 8.07 -1.59
C THR A 123 -24.94 7.89 -2.61
N ASN A 124 -25.46 9.02 -3.08
CA ASN A 124 -26.25 9.06 -4.31
C ASN A 124 -25.24 9.10 -5.46
N THR A 125 -25.15 8.01 -6.20
CA THR A 125 -24.26 7.95 -7.34
C THR A 125 -24.89 7.12 -8.45
N TRP A 126 -24.18 7.00 -9.58
CA TRP A 126 -24.73 6.58 -10.87
C TRP A 126 -23.92 5.44 -11.43
N LEU A 127 -24.49 4.72 -12.40
CA LEU A 127 -23.78 3.69 -13.17
C LEU A 127 -22.96 4.38 -14.26
N ASP A 128 -21.66 4.57 -13.97
CA ASP A 128 -20.80 5.38 -14.81
C ASP A 128 -20.27 4.57 -16.02
N ASP A 129 -20.82 4.84 -17.21
CA ASP A 129 -20.43 4.14 -18.45
C ASP A 129 -19.77 5.05 -19.51
N ARG A 130 -19.11 6.12 -19.06
CA ARG A 130 -18.36 7.01 -19.97
C ARG A 130 -17.04 6.35 -20.34
N ALA A 131 -16.40 6.80 -21.41
CA ALA A 131 -15.04 6.33 -21.75
C ALA A 131 -14.02 6.56 -20.61
N GLU A 132 -14.18 7.65 -19.87
CA GLU A 132 -13.22 8.03 -18.82
C GLU A 132 -13.72 7.65 -17.41
N ARG A 133 -14.61 6.66 -17.35
CA ARG A 133 -15.20 6.16 -16.10
C ARG A 133 -14.18 5.51 -15.18
N ASP A 134 -13.11 4.99 -15.74
CA ASP A 134 -12.08 4.37 -14.94
C ASP A 134 -11.51 5.30 -13.87
N GLY A 135 -11.40 6.59 -14.17
CA GLY A 135 -10.95 7.57 -13.18
C GLY A 135 -11.77 7.55 -11.90
N LEU A 136 -13.09 7.40 -12.03
CA LEU A 136 -13.98 7.33 -10.88
C LEU A 136 -13.83 5.99 -10.16
N ALA A 137 -13.95 4.90 -10.93
CA ALA A 137 -13.84 3.52 -10.39
C ALA A 137 -12.57 3.31 -9.55
N GLN A 138 -11.49 3.96 -9.99
CA GLN A 138 -10.23 4.05 -9.25
C GLN A 138 -10.40 4.68 -7.88
N LEU A 139 -10.96 5.90 -7.84
CA LEU A 139 -11.21 6.63 -6.59
C LEU A 139 -12.06 5.81 -5.64
N MET A 140 -13.07 5.15 -6.17
CA MET A 140 -13.95 4.31 -5.36
C MET A 140 -13.21 3.09 -4.80
N CYS A 141 -12.32 2.48 -5.57
N CYS A 141 -12.34 2.49 -5.62
CA CYS A 141 -11.53 1.36 -5.07
CA CYS A 141 -11.47 1.38 -5.20
C CYS A 141 -10.60 1.78 -3.94
C CYS A 141 -10.62 1.78 -3.98
N GLU A 142 -9.97 2.95 -4.06
CA GLU A 142 -9.13 3.50 -2.98
C GLU A 142 -9.92 3.90 -1.71
N LEU A 143 -11.15 4.36 -1.91
CA LEU A 143 -12.01 4.83 -0.83
C LEU A 143 -12.73 3.65 -0.12
N LYS A 144 -13.43 2.81 -0.89
CA LYS A 144 -14.25 1.72 -0.34
C LYS A 144 -13.49 0.71 0.56
N MET A 145 -12.20 0.49 0.27
CA MET A 145 -11.39 -0.49 1.00
C MET A 145 -11.22 -0.17 2.48
N HIS A 146 -11.40 1.11 2.86
CA HIS A 146 -11.31 1.55 4.27
C HIS A 146 -12.65 1.57 5.02
N PHE A 147 -13.72 1.02 4.44
CA PHE A 147 -15.04 1.02 5.07
C PHE A 147 -15.70 -0.35 5.05
N ASP A 148 -16.53 -0.59 6.07
CA ASP A 148 -17.22 -1.85 6.24
C ASP A 148 -18.31 -2.07 5.19
N PHE A 149 -18.90 -0.98 4.68
CA PHE A 149 -20.00 -1.04 3.69
C PHE A 149 -19.95 0.18 2.78
N LEU A 150 -20.36 0.01 1.52
CA LEU A 150 -20.46 1.12 0.57
C LEU A 150 -21.81 1.03 -0.08
N ILE A 151 -22.76 1.80 0.41
CA ILE A 151 -24.12 1.79 -0.10
C ILE A 151 -24.28 2.84 -1.20
N GLU A 152 -24.34 2.39 -2.45
CA GLU A 152 -24.52 3.27 -3.62
C GLU A 152 -25.97 3.27 -4.09
N SER A 153 -26.57 4.45 -4.22
CA SER A 153 -27.99 4.57 -4.59
C SER A 153 -28.38 3.80 -5.86
N CYS A 154 -27.57 3.92 -6.91
CA CYS A 154 -27.87 3.25 -8.18
C CYS A 154 -27.72 1.73 -8.14
N GLN A 155 -27.42 1.17 -6.98
CA GLN A 155 -27.35 -0.27 -6.81
C GLN A 155 -28.48 -0.84 -5.94
N VAL A 156 -28.83 -0.12 -4.88
CA VAL A 156 -29.98 -0.49 -4.03
C VAL A 156 -31.35 -0.05 -4.53
N GLY A 157 -31.39 0.82 -5.54
CA GLY A 157 -32.66 1.31 -6.10
C GLY A 157 -33.44 2.27 -5.21
N MET A 158 -32.73 2.89 -4.28
CA MET A 158 -33.29 3.88 -3.37
C MET A 158 -32.30 5.02 -3.42
N VAL A 159 -32.69 6.16 -2.88
CA VAL A 159 -31.93 7.40 -3.02
C VAL A 159 -32.13 8.28 -1.77
N LYS A 160 -31.12 9.04 -1.37
CA LYS A 160 -31.34 10.11 -0.39
C LYS A 160 -32.21 11.18 -1.07
N PRO A 161 -33.13 11.82 -0.35
CA PRO A 161 -33.32 11.72 1.09
C PRO A 161 -34.53 10.86 1.48
N GLU A 162 -34.74 9.74 0.80
CA GLU A 162 -35.95 8.95 1.01
C GLU A 162 -35.78 8.13 2.26
N PRO A 163 -36.79 8.12 3.16
CA PRO A 163 -36.64 7.35 4.42
C PRO A 163 -36.23 5.87 4.25
N GLN A 164 -36.62 5.24 3.13
CA GLN A 164 -36.33 3.81 2.91
C GLN A 164 -34.84 3.45 2.84
N ILE A 165 -34.00 4.35 2.31
CA ILE A 165 -32.56 4.08 2.26
C ILE A 165 -31.89 4.18 3.64
N TYR A 166 -32.52 4.91 4.56
CA TYR A 166 -32.02 5.01 5.93
C TYR A 166 -32.41 3.77 6.70
N LYS A 167 -33.57 3.18 6.37
CA LYS A 167 -33.92 1.84 6.88
C LYS A 167 -32.95 0.78 6.38
N PHE A 168 -32.55 0.87 5.10
CA PHE A 168 -31.54 -0.03 4.52
C PHE A 168 -30.20 0.10 5.25
N LEU A 169 -29.76 1.35 5.42
CA LEU A 169 -28.50 1.66 6.11
C LEU A 169 -28.43 0.99 7.47
N LEU A 170 -29.50 1.13 8.25
CA LEU A 170 -29.59 0.55 9.59
C LEU A 170 -29.58 -0.98 9.58
N ASP A 171 -30.39 -1.59 8.71
CA ASP A 171 -30.36 -3.04 8.46
C ASP A 171 -28.96 -3.56 8.14
N THR A 172 -28.24 -2.80 7.31
CA THR A 172 -26.86 -3.16 6.93
C THR A 172 -25.90 -3.01 8.12
N LEU A 173 -25.97 -1.87 8.81
CA LEU A 173 -25.15 -1.65 10.02
C LEU A 173 -25.55 -2.52 11.21
N LYS A 174 -26.74 -3.12 11.19
CA LYS A 174 -27.21 -4.01 12.27
C LYS A 174 -27.09 -3.28 13.60
N ALA A 175 -27.68 -2.09 13.61
CA ALA A 175 -27.43 -1.10 14.65
C ALA A 175 -28.63 -0.17 14.75
N SER A 176 -29.02 0.20 15.97
CA SER A 176 -30.17 1.08 16.18
C SER A 176 -29.76 2.52 15.92
N PRO A 177 -30.69 3.37 15.43
CA PRO A 177 -30.38 4.75 14.98
C PRO A 177 -29.61 5.67 15.95
N SER A 178 -29.75 5.45 17.26
CA SER A 178 -29.02 6.23 18.26
C SER A 178 -27.55 5.82 18.34
N GLU A 179 -27.19 4.67 17.80
CA GLU A 179 -25.80 4.19 17.79
C GLU A 179 -25.00 4.61 16.54
N VAL A 180 -25.48 5.61 15.79
CA VAL A 180 -24.90 5.96 14.50
C VAL A 180 -24.89 7.48 14.23
N VAL A 181 -23.74 7.99 13.77
CA VAL A 181 -23.58 9.36 13.25
C VAL A 181 -23.63 9.31 11.72
N PHE A 182 -24.13 10.39 11.11
CA PHE A 182 -24.22 10.50 9.67
C PHE A 182 -23.84 11.90 9.24
N LEU A 183 -22.81 12.02 8.41
CA LEU A 183 -22.34 13.30 7.87
C LEU A 183 -22.72 13.46 6.40
N ASP A 184 -23.14 14.66 6.03
CA ASP A 184 -23.59 14.96 4.67
C ASP A 184 -23.48 16.46 4.45
N ASP A 185 -23.39 16.88 3.20
CA ASP A 185 -23.25 18.31 2.86
C ASP A 185 -24.59 18.99 2.48
N ILE A 186 -25.68 18.20 2.44
CA ILE A 186 -27.01 18.66 2.06
C ILE A 186 -27.96 18.44 3.22
N GLY A 187 -28.60 19.53 3.70
CA GLY A 187 -29.48 19.47 4.87
C GLY A 187 -30.69 18.55 4.74
N ALA A 188 -31.30 18.57 3.55
CA ALA A 188 -32.40 17.66 3.23
C ALA A 188 -32.08 16.19 3.53
N ASN A 189 -30.84 15.76 3.25
CA ASN A 189 -30.39 14.39 3.53
C ASN A 189 -30.26 14.04 5.01
N LEU A 190 -30.23 15.04 5.88
CA LEU A 190 -30.13 14.83 7.33
C LEU A 190 -31.45 14.76 8.09
N LYS A 191 -32.52 15.39 7.56
CA LYS A 191 -33.82 15.35 8.26
C LYS A 191 -34.40 13.95 8.41
N PRO A 192 -34.28 13.08 7.38
CA PRO A 192 -34.67 11.69 7.58
C PRO A 192 -33.85 10.98 8.64
N ALA A 193 -32.55 11.25 8.70
CA ALA A 193 -31.69 10.64 9.71
C ALA A 193 -32.13 11.03 11.11
N ARG A 194 -32.42 12.33 11.32
CA ARG A 194 -32.87 12.83 12.64
C ARG A 194 -34.23 12.29 13.12
N ASP A 195 -35.23 12.26 12.24
CA ASP A 195 -36.57 11.72 12.57
C ASP A 195 -36.53 10.28 13.12
N LEU A 196 -35.63 9.46 12.57
CA LEU A 196 -35.34 8.11 13.07
C LEU A 196 -34.53 8.11 14.36
N GLY A 197 -33.88 9.24 14.65
CA GLY A 197 -33.19 9.45 15.91
C GLY A 197 -31.70 9.70 15.78
N MET A 198 -31.14 9.52 14.58
CA MET A 198 -29.69 9.53 14.39
C MET A 198 -29.06 10.88 14.74
N VAL A 199 -27.75 10.85 14.97
CA VAL A 199 -26.94 12.06 15.12
C VAL A 199 -26.56 12.48 13.71
N THR A 200 -26.60 13.78 13.46
CA THR A 200 -26.38 14.35 12.14
C THR A 200 -25.39 15.52 12.23
N ILE A 201 -24.59 15.68 11.18
CA ILE A 201 -23.66 16.79 11.06
C ILE A 201 -23.78 17.35 9.64
N LEU A 202 -24.07 18.64 9.51
CA LEU A 202 -23.98 19.29 8.20
C LEU A 202 -22.53 19.66 7.95
N VAL A 203 -21.97 19.08 6.91
CA VAL A 203 -20.62 19.37 6.46
C VAL A 203 -20.69 20.57 5.55
N GLN A 204 -20.05 21.67 5.96
CA GLN A 204 -19.62 22.69 5.02
C GLN A 204 -18.10 22.59 4.97
N ASP A 205 -17.37 23.42 5.73
CA ASP A 205 -15.93 23.22 5.84
C ASP A 205 -15.66 21.94 6.64
N THR A 206 -14.61 21.25 6.27
CA THR A 206 -14.28 19.97 6.89
C THR A 206 -13.91 20.12 8.38
N ASP A 207 -13.07 21.11 8.72
CA ASP A 207 -12.57 21.24 10.09
C ASP A 207 -13.65 21.38 11.16
N THR A 208 -14.71 22.14 10.86
CA THR A 208 -15.82 22.30 11.80
C THR A 208 -16.66 21.03 11.85
N ALA A 209 -16.92 20.43 10.70
CA ALA A 209 -17.53 19.09 10.66
C ALA A 209 -16.74 18.06 11.48
N LEU A 210 -15.42 18.11 11.43
CA LEU A 210 -14.58 17.21 12.24
C LEU A 210 -14.68 17.55 13.70
N LYS A 211 -14.70 18.86 14.01
CA LYS A 211 -14.82 19.33 15.39
C LYS A 211 -16.08 18.75 16.05
N GLU A 212 -17.20 18.82 15.35
CA GLU A 212 -18.48 18.30 15.86
C GLU A 212 -18.39 16.78 16.09
N LEU A 213 -17.90 16.06 15.09
CA LEU A 213 -17.77 14.60 15.16
C LEU A 213 -16.86 14.17 16.33
N GLU A 214 -15.78 14.93 16.49
CA GLU A 214 -14.85 14.79 17.61
C GLU A 214 -15.63 14.91 18.92
N LYS A 215 -16.50 15.91 19.02
CA LYS A 215 -17.33 16.11 20.23
C LYS A 215 -18.22 14.93 20.55
N VAL A 216 -19.11 14.59 19.63
CA VAL A 216 -20.13 13.55 19.87
C VAL A 216 -19.58 12.12 19.94
N THR A 217 -18.36 11.89 19.46
CA THR A 217 -17.68 10.60 19.63
C THR A 217 -16.74 10.56 20.85
N GLY A 218 -16.17 11.69 21.23
CA GLY A 218 -15.21 11.72 22.34
C GLY A 218 -13.88 11.05 21.99
N ILE A 219 -13.46 11.20 20.73
CA ILE A 219 -12.23 10.61 20.20
C ILE A 219 -11.43 11.71 19.48
N GLN A 220 -10.13 11.78 19.73
CA GLN A 220 -9.30 12.78 19.05
C GLN A 220 -9.26 12.46 17.55
N LEU A 221 -9.88 13.33 16.74
CA LEU A 221 -9.91 13.21 15.26
C LEU A 221 -9.14 14.33 14.55
N LEU A 222 -9.41 15.58 14.92
CA LEU A 222 -8.67 16.74 14.42
C LEU A 222 -7.27 16.82 15.04
N ASN A 223 -6.28 17.26 14.28
CA ASN A 223 -4.94 17.56 14.81
C ASN A 223 -4.12 16.40 15.35
N THR A 224 -4.59 15.16 15.15
CA THR A 224 -3.84 13.97 15.59
C THR A 224 -2.65 13.74 14.70
N PRO A 225 -1.64 12.98 15.16
CA PRO A 225 -0.47 12.70 14.34
C PRO A 225 -0.71 11.93 13.04
N ALA A 226 0.29 12.03 12.15
CA ALA A 226 0.33 11.34 10.83
C ALA A 226 0.19 9.86 11.08
N PRO A 227 -0.84 9.21 10.50
CA PRO A 227 -0.89 7.77 10.77
C PRO A 227 0.02 7.01 9.83
N LEU A 228 0.27 5.76 10.18
CA LEU A 228 1.03 4.89 9.32
C LEU A 228 0.25 4.69 8.01
N PRO A 229 0.92 4.21 6.96
CA PRO A 229 0.22 3.80 5.76
C PRO A 229 -0.74 2.64 6.03
N THR A 230 -1.52 2.28 5.00
CA THR A 230 -2.34 1.07 5.04
C THR A 230 -1.44 -0.16 5.12
N SER A 231 -1.78 -1.06 6.05
CA SER A 231 -1.13 -2.36 6.20
C SER A 231 -1.82 -3.28 5.19
N CYS A 232 -1.72 -4.59 5.36
CA CYS A 232 -2.39 -5.56 4.49
C CYS A 232 -3.02 -6.56 5.39
N ASN A 233 -4.25 -6.95 5.12
CA ASN A 233 -4.79 -8.11 5.82
C ASN A 233 -4.50 -9.33 4.95
N PRO A 234 -3.63 -10.26 5.43
CA PRO A 234 -3.27 -11.47 4.67
C PRO A 234 -4.43 -12.31 4.09
N SER A 235 -5.55 -12.40 4.81
CA SER A 235 -6.75 -13.08 4.32
C SER A 235 -7.44 -12.34 3.17
N ASP A 236 -7.21 -11.03 3.07
CA ASP A 236 -7.77 -10.20 2.00
C ASP A 236 -6.89 -10.10 0.74
N MET A 237 -5.72 -10.71 0.71
CA MET A 237 -4.83 -10.58 -0.45
C MET A 237 -5.07 -11.67 -1.51
N SER A 238 -4.71 -11.34 -2.76
CA SER A 238 -4.48 -12.35 -3.80
C SER A 238 -3.16 -13.05 -3.53
N HIS A 239 -3.25 -14.35 -3.27
CA HIS A 239 -2.08 -15.18 -3.08
C HIS A 239 -1.79 -15.97 -4.36
N GLY A 240 -0.58 -15.82 -4.89
CA GLY A 240 -0.08 -16.57 -6.06
C GLY A 240 0.98 -17.63 -5.77
N TYR A 241 1.06 -18.62 -6.66
CA TYR A 241 1.89 -19.81 -6.48
C TYR A 241 2.43 -20.30 -7.82
N VAL A 242 3.75 -20.25 -7.97
CA VAL A 242 4.44 -20.65 -9.20
C VAL A 242 5.51 -21.67 -8.89
N THR A 243 5.35 -22.85 -9.48
CA THR A 243 6.40 -23.87 -9.53
C THR A 243 7.47 -23.41 -10.53
N VAL A 244 8.72 -23.29 -10.05
CA VAL A 244 9.84 -22.86 -10.87
C VAL A 244 10.79 -23.99 -11.24
N LYS A 245 10.46 -25.21 -10.80
CA LYS A 245 11.38 -26.34 -10.72
C LYS A 245 10.67 -27.48 -9.98
N PRO A 246 10.92 -28.74 -10.35
CA PRO A 246 10.24 -29.87 -9.73
C PRO A 246 10.01 -29.82 -8.22
N ARG A 247 10.97 -29.33 -7.43
CA ARG A 247 10.83 -29.33 -5.97
C ARG A 247 10.65 -27.95 -5.34
N VAL A 248 10.46 -26.92 -6.14
CA VAL A 248 10.46 -25.57 -5.64
C VAL A 248 9.25 -24.87 -6.17
N ARG A 249 8.42 -24.39 -5.27
CA ARG A 249 7.29 -23.55 -5.59
C ARG A 249 7.53 -22.22 -4.87
N LEU A 250 7.33 -21.11 -5.60
CA LEU A 250 7.41 -19.76 -5.02
C LEU A 250 6.03 -19.14 -4.83
N HIS A 251 5.79 -18.66 -3.60
CA HIS A 251 4.55 -18.01 -3.22
C HIS A 251 4.79 -16.51 -3.21
N PHE A 252 3.76 -15.77 -3.59
CA PHE A 252 3.82 -14.30 -3.59
C PHE A 252 2.42 -13.70 -3.39
N VAL A 253 2.38 -12.42 -2.99
CA VAL A 253 1.12 -11.67 -2.83
C VAL A 253 1.11 -10.63 -3.92
N GLU A 254 -0.06 -10.46 -4.56
CA GLU A 254 -0.20 -9.61 -5.74
C GLU A 254 -1.25 -8.57 -5.47
N LEU A 255 -0.93 -7.30 -5.72
CA LEU A 255 -1.90 -6.21 -5.64
C LEU A 255 -1.57 -5.07 -6.60
N GLY A 256 -2.59 -4.63 -7.33
CA GLY A 256 -2.50 -3.47 -8.21
C GLY A 256 -2.33 -3.81 -9.66
N SER A 257 -2.30 -2.78 -10.50
CA SER A 257 -2.03 -2.95 -11.92
C SER A 257 -0.97 -1.95 -12.38
N GLY A 258 -0.36 -2.24 -13.53
CA GLY A 258 0.67 -1.40 -14.12
C GLY A 258 1.94 -2.19 -14.30
N PRO A 259 3.12 -1.50 -14.33
CA PRO A 259 4.39 -2.21 -14.43
C PRO A 259 4.57 -3.16 -13.25
N ALA A 260 5.14 -4.33 -13.51
CA ALA A 260 5.36 -5.31 -12.46
C ALA A 260 6.48 -4.82 -11.55
N VAL A 261 6.21 -4.79 -10.24
CA VAL A 261 7.20 -4.45 -9.23
C VAL A 261 7.33 -5.63 -8.28
N CYS A 262 8.55 -6.17 -8.16
CA CYS A 262 8.82 -7.40 -7.42
C CYS A 262 9.60 -7.10 -6.12
N LEU A 263 8.99 -7.38 -4.98
CA LEU A 263 9.56 -7.01 -3.69
C LEU A 263 10.17 -8.23 -2.98
N CYS A 264 11.46 -8.13 -2.70
CA CYS A 264 12.24 -9.25 -2.22
C CYS A 264 12.74 -8.97 -0.83
N HIS A 265 12.13 -9.65 0.14
CA HIS A 265 12.42 -9.43 1.56
C HIS A 265 13.79 -10.00 1.98
N GLY A 266 14.15 -9.72 3.24
CA GLY A 266 15.44 -10.15 3.78
C GLY A 266 15.35 -11.29 4.77
N PHE A 267 16.40 -11.38 5.60
CA PHE A 267 16.50 -12.39 6.62
C PHE A 267 16.18 -11.78 7.96
N PRO A 268 15.42 -12.46 8.81
CA PRO A 268 14.56 -13.61 8.50
C PRO A 268 13.10 -13.18 8.49
N GLU A 269 12.56 -12.95 7.30
CA GLU A 269 11.33 -12.17 7.13
C GLU A 269 10.29 -12.91 6.26
N SER A 270 9.40 -12.15 5.58
CA SER A 270 8.39 -12.71 4.68
C SER A 270 7.90 -11.62 3.74
N TRP A 271 6.90 -11.93 2.93
CA TRP A 271 6.21 -10.92 2.13
C TRP A 271 5.59 -9.85 3.01
N TYR A 272 5.15 -10.22 4.20
CA TYR A 272 4.51 -9.30 5.16
C TYR A 272 5.41 -8.16 5.59
N SER A 273 6.73 -8.37 5.51
CA SER A 273 7.67 -7.28 5.77
C SER A 273 7.46 -6.06 4.90
N TRP A 274 6.81 -6.25 3.75
CA TRP A 274 6.37 -5.14 2.90
C TRP A 274 4.90 -4.71 3.13
N ARG A 275 4.29 -5.03 4.26
CA ARG A 275 2.86 -4.69 4.43
C ARG A 275 2.54 -3.18 4.21
N TYR A 276 3.44 -2.28 4.68
CA TYR A 276 3.20 -0.85 4.55
C TYR A 276 3.49 -0.31 3.13
N GLN A 277 4.23 -1.06 2.32
CA GLN A 277 4.56 -0.67 0.94
C GLN A 277 3.55 -1.18 -0.10
N ILE A 278 2.97 -2.35 0.13
CA ILE A 278 2.18 -3.02 -0.92
C ILE A 278 0.99 -2.17 -1.38
N PRO A 279 0.13 -1.68 -0.46
CA PRO A 279 -1.00 -0.83 -0.89
C PRO A 279 -0.61 0.53 -1.48
N ALA A 280 0.38 1.18 -0.88
CA ALA A 280 0.92 2.44 -1.39
C ALA A 280 1.31 2.40 -2.87
N LEU A 281 2.13 1.40 -3.21
CA LEU A 281 2.68 1.29 -4.56
C LEU A 281 1.62 0.85 -5.56
N ALA A 282 0.73 -0.04 -5.14
CA ALA A 282 -0.45 -0.38 -5.95
C ALA A 282 -1.17 0.90 -6.33
N GLN A 283 -1.53 1.69 -5.31
CA GLN A 283 -2.25 2.95 -5.50
C GLN A 283 -1.45 3.91 -6.34
N ALA A 284 -0.14 3.95 -6.12
CA ALA A 284 0.78 4.75 -6.97
C ALA A 284 0.79 4.37 -8.47
N GLY A 285 0.34 3.15 -8.81
CA GLY A 285 0.08 2.76 -10.20
C GLY A 285 0.95 1.59 -10.66
N TYR A 286 1.05 0.55 -9.84
CA TYR A 286 1.99 -0.54 -10.06
C TYR A 286 1.36 -1.87 -9.66
N ARG A 287 1.92 -2.95 -10.22
CA ARG A 287 1.49 -4.29 -9.93
C ARG A 287 2.54 -4.84 -8.97
N VAL A 288 2.22 -4.84 -7.69
CA VAL A 288 3.18 -5.29 -6.69
C VAL A 288 3.14 -6.81 -6.62
N LEU A 289 4.29 -7.45 -6.78
CA LEU A 289 4.45 -8.89 -6.53
C LEU A 289 5.40 -9.05 -5.35
N ALA A 290 4.82 -9.22 -4.17
CA ALA A 290 5.59 -9.30 -2.93
C ALA A 290 5.91 -10.75 -2.67
N MET A 291 7.19 -11.08 -2.65
CA MET A 291 7.59 -12.49 -2.62
C MET A 291 7.59 -13.05 -1.22
N ASP A 292 7.42 -14.36 -1.14
CA ASP A 292 8.07 -15.17 -0.11
C ASP A 292 9.30 -15.72 -0.85
N MET A 293 10.49 -15.25 -0.50
CA MET A 293 11.72 -15.74 -1.11
C MET A 293 11.88 -17.22 -0.77
N LYS A 294 12.62 -17.94 -1.60
CA LYS A 294 12.90 -19.36 -1.34
C LYS A 294 13.36 -19.56 0.10
N GLY A 295 12.78 -20.55 0.79
CA GLY A 295 13.12 -20.83 2.21
C GLY A 295 12.09 -20.37 3.25
N TYR A 296 11.28 -19.38 2.88
CA TYR A 296 10.39 -18.74 3.82
C TYR A 296 8.91 -19.02 3.53
N GLY A 297 8.13 -19.14 4.60
CA GLY A 297 6.67 -19.20 4.51
C GLY A 297 6.15 -20.27 3.60
N GLU A 298 5.28 -19.85 2.70
CA GLU A 298 4.59 -20.75 1.79
C GLU A 298 5.40 -21.10 0.55
N SER A 299 6.56 -20.47 0.39
CA SER A 299 7.52 -20.89 -0.63
C SER A 299 8.25 -22.15 -0.16
N SER A 300 8.70 -22.97 -1.11
CA SER A 300 9.41 -24.20 -0.78
C SER A 300 10.72 -23.88 -0.08
N ALA A 301 11.11 -24.75 0.84
CA ALA A 301 12.35 -24.61 1.62
C ALA A 301 13.10 -25.93 1.65
N PRO A 302 13.75 -26.32 0.53
CA PRO A 302 14.47 -27.60 0.50
C PRO A 302 15.72 -27.55 1.37
N PRO A 303 16.14 -28.70 1.93
CA PRO A 303 17.24 -28.71 2.92
C PRO A 303 18.64 -28.26 2.42
N GLU A 304 18.94 -28.45 1.14
CA GLU A 304 20.30 -28.36 0.63
C GLU A 304 20.85 -26.93 0.62
N ILE A 305 22.08 -26.76 1.13
CA ILE A 305 22.72 -25.45 1.26
C ILE A 305 22.93 -24.78 -0.08
N GLU A 306 23.35 -25.55 -1.07
CA GLU A 306 23.62 -25.05 -2.43
C GLU A 306 22.37 -24.56 -3.19
N GLU A 307 21.19 -24.93 -2.69
CA GLU A 307 19.94 -24.40 -3.22
C GLU A 307 19.71 -22.93 -2.88
N TYR A 308 20.49 -22.37 -1.93
CA TYR A 308 20.36 -20.94 -1.56
C TYR A 308 21.56 -20.06 -1.97
N CYS A 309 22.40 -20.55 -2.88
CA CYS A 309 23.43 -19.70 -3.48
C CYS A 309 22.75 -18.74 -4.43
N MET A 310 23.45 -17.65 -4.71
CA MET A 310 22.88 -16.52 -5.46
C MET A 310 22.50 -16.89 -6.90
N GLU A 311 23.36 -17.68 -7.55
CA GLU A 311 23.16 -18.08 -8.93
C GLU A 311 21.87 -18.89 -9.11
N VAL A 312 21.67 -19.90 -8.26
CA VAL A 312 20.46 -20.73 -8.29
C VAL A 312 19.24 -19.90 -7.99
N LEU A 313 19.30 -19.17 -6.87
CA LEU A 313 18.24 -18.24 -6.47
C LEU A 313 17.81 -17.29 -7.59
N CYS A 314 18.80 -16.74 -8.31
CA CYS A 314 18.55 -15.76 -9.36
C CYS A 314 17.93 -16.40 -10.59
N LYS A 315 18.42 -17.57 -10.98
CA LYS A 315 17.82 -18.31 -12.09
C LYS A 315 16.36 -18.61 -11.80
N GLU A 316 16.09 -19.05 -10.58
CA GLU A 316 14.73 -19.33 -10.17
C GLU A 316 13.80 -18.14 -10.28
N MET A 317 14.28 -16.95 -9.91
CA MET A 317 13.50 -15.72 -10.05
C MET A 317 13.22 -15.36 -11.51
N VAL A 318 14.16 -15.68 -12.40
CA VAL A 318 13.95 -15.54 -13.84
C VAL A 318 12.87 -16.50 -14.32
N THR A 319 12.92 -17.75 -13.87
CA THR A 319 11.86 -18.69 -14.20
C THR A 319 10.51 -18.19 -13.68
N PHE A 320 10.50 -17.65 -12.46
CA PHE A 320 9.31 -17.03 -11.90
C PHE A 320 8.70 -16.02 -12.88
N LEU A 321 9.53 -15.12 -13.41
CA LEU A 321 9.07 -14.23 -14.45
C LEU A 321 8.60 -15.01 -15.70
N ASP A 322 9.46 -15.90 -16.19
CA ASP A 322 9.16 -16.73 -17.37
C ASP A 322 7.72 -17.24 -17.34
N LYS A 323 7.38 -17.92 -16.24
CA LYS A 323 6.11 -18.64 -16.13
C LYS A 323 4.89 -17.73 -15.88
N LEU A 324 5.15 -16.51 -15.35
CA LEU A 324 4.13 -15.48 -15.21
C LEU A 324 3.95 -14.65 -16.47
N GLY A 325 4.71 -14.93 -17.52
CA GLY A 325 4.60 -14.21 -18.79
C GLY A 325 5.13 -12.79 -18.76
N LEU A 326 6.14 -12.52 -17.92
CA LEU A 326 6.68 -11.18 -17.72
C LEU A 326 8.05 -11.06 -18.37
N SER A 327 8.23 -10.11 -19.29
CA SER A 327 9.57 -9.88 -19.87
C SER A 327 10.51 -9.15 -18.91
N GLN A 328 9.94 -8.32 -18.04
CA GLN A 328 10.69 -7.58 -17.02
C GLN A 328 9.90 -7.41 -15.74
N ALA A 329 10.62 -6.99 -14.71
CA ALA A 329 10.03 -6.39 -13.52
C ALA A 329 11.03 -5.41 -12.90
N VAL A 330 10.49 -4.43 -12.20
CA VAL A 330 11.27 -3.61 -11.30
C VAL A 330 11.53 -4.51 -10.13
N PHE A 331 12.78 -4.56 -9.67
CA PHE A 331 13.20 -5.39 -8.54
C PHE A 331 13.67 -4.49 -7.40
N ILE A 332 13.09 -4.71 -6.22
CA ILE A 332 13.34 -3.90 -5.06
C ILE A 332 13.63 -4.87 -3.92
N GLY A 333 14.79 -4.75 -3.32
CA GLY A 333 15.23 -5.68 -2.28
C GLY A 333 15.56 -4.98 -0.98
N HIS A 334 15.44 -5.72 0.12
CA HIS A 334 15.94 -5.30 1.43
C HIS A 334 16.77 -6.44 2.01
N ASP A 335 17.88 -6.08 2.68
CA ASP A 335 18.73 -7.05 3.37
C ASP A 335 19.28 -8.09 2.37
N TRP A 336 18.95 -9.38 2.48
CA TRP A 336 19.49 -10.37 1.53
C TRP A 336 18.86 -10.19 0.16
N GLY A 337 17.56 -9.90 0.14
CA GLY A 337 16.86 -9.52 -1.09
C GLY A 337 17.57 -8.39 -1.83
N GLY A 338 18.10 -7.45 -1.06
CA GLY A 338 18.85 -6.32 -1.59
C GLY A 338 20.00 -6.80 -2.43
N MET A 339 20.83 -7.67 -1.86
CA MET A 339 21.98 -8.25 -2.53
C MET A 339 21.58 -9.03 -3.76
N LEU A 340 20.56 -9.87 -3.62
CA LEU A 340 20.06 -10.68 -4.73
C LEU A 340 19.71 -9.81 -5.94
N VAL A 341 19.02 -8.74 -5.65
CA VAL A 341 18.48 -7.84 -6.64
C VAL A 341 19.62 -7.16 -7.42
N TRP A 342 20.71 -6.79 -6.75
CA TRP A 342 21.87 -6.24 -7.46
C TRP A 342 22.43 -7.28 -8.42
N TYR A 343 22.52 -8.53 -7.97
CA TYR A 343 23.02 -9.63 -8.79
C TYR A 343 22.08 -10.02 -9.95
N MET A 344 20.78 -9.74 -9.83
CA MET A 344 19.82 -9.85 -10.95
C MET A 344 20.05 -8.83 -12.03
N ALA A 345 20.28 -7.58 -11.62
CA ALA A 345 20.58 -6.49 -12.56
C ALA A 345 21.90 -6.73 -13.29
N LEU A 346 22.81 -7.46 -12.64
CA LEU A 346 24.16 -7.69 -13.12
C LEU A 346 24.30 -8.92 -14.05
N PHE A 347 23.43 -9.92 -13.86
CA PHE A 347 23.44 -11.15 -14.67
C PHE A 347 22.28 -11.31 -15.62
N TYR A 348 21.16 -10.64 -15.34
CA TYR A 348 19.95 -10.70 -16.19
C TYR A 348 19.32 -9.33 -16.44
N PRO A 349 20.11 -8.34 -16.95
CA PRO A 349 19.59 -6.97 -17.08
C PRO A 349 18.44 -6.82 -18.08
N GLU A 350 18.36 -7.71 -19.08
CA GLU A 350 17.23 -7.75 -20.03
CA GLU A 350 17.22 -7.69 -20.01
C GLU A 350 15.87 -7.94 -19.31
N ARG A 351 15.91 -8.55 -18.12
CA ARG A 351 14.72 -8.86 -17.32
C ARG A 351 14.43 -7.89 -16.16
N VAL A 352 15.32 -6.93 -15.91
CA VAL A 352 15.13 -5.93 -14.86
C VAL A 352 14.85 -4.55 -15.47
N ARG A 353 13.63 -4.05 -15.28
CA ARG A 353 13.24 -2.67 -15.64
C ARG A 353 14.07 -1.66 -14.86
N ALA A 354 14.20 -1.87 -13.56
CA ALA A 354 15.02 -1.03 -12.70
C ALA A 354 15.28 -1.79 -11.41
N VAL A 355 16.38 -1.44 -10.77
CA VAL A 355 16.85 -2.15 -9.58
C VAL A 355 16.81 -1.16 -8.41
N ALA A 356 16.46 -1.64 -7.22
CA ALA A 356 16.43 -0.77 -6.06
C ALA A 356 16.61 -1.57 -4.75
N SER A 357 17.53 -1.11 -3.91
CA SER A 357 17.87 -1.78 -2.65
C SER A 357 17.76 -0.84 -1.45
N LEU A 358 17.21 -1.39 -0.37
CA LEU A 358 17.20 -0.73 0.93
C LEU A 358 18.30 -1.35 1.74
N ASN A 359 19.23 -0.52 2.21
CA ASN A 359 20.26 -0.89 3.21
C ASN A 359 21.46 -1.61 2.61
N THR A 360 21.20 -2.72 1.93
CA THR A 360 22.22 -3.55 1.27
C THR A 360 22.91 -2.85 0.08
N PRO A 361 24.23 -2.59 0.19
CA PRO A 361 24.98 -2.00 -0.92
C PRO A 361 25.44 -3.07 -1.91
N PHE A 362 25.65 -2.67 -3.16
CA PHE A 362 26.28 -3.54 -4.13
C PHE A 362 27.73 -3.64 -3.74
N ILE A 363 28.14 -4.84 -3.38
CA ILE A 363 29.54 -5.10 -3.06
C ILE A 363 30.07 -6.12 -4.05
N PRO A 364 31.11 -5.73 -4.83
CA PRO A 364 31.72 -6.68 -5.74
C PRO A 364 32.54 -7.72 -4.96
N ALA A 365 32.88 -8.82 -5.61
CA ALA A 365 33.76 -9.80 -5.00
C ALA A 365 35.16 -9.24 -5.14
N ASN A 366 35.97 -9.36 -4.10
CA ASN A 366 37.39 -9.08 -4.23
C ASN A 366 38.09 -10.34 -4.72
N PRO A 367 38.70 -10.29 -5.92
CA PRO A 367 39.18 -11.51 -6.56
C PRO A 367 40.45 -12.13 -5.96
N ASN A 368 41.15 -11.37 -5.11
CA ASN A 368 42.39 -11.83 -4.44
C ASN A 368 42.03 -12.53 -3.13
N MET A 369 41.22 -11.84 -2.33
CA MET A 369 40.89 -12.20 -0.94
C MET A 369 39.63 -13.04 -0.88
N SER A 370 39.66 -14.11 -0.08
CA SER A 370 38.50 -15.00 0.08
C SER A 370 37.41 -14.34 0.92
N PRO A 371 36.14 -14.73 0.73
CA PRO A 371 35.06 -14.06 1.45
C PRO A 371 35.09 -14.34 2.94
N LEU A 372 35.29 -15.61 3.30
CA LEU A 372 35.57 -16.02 4.67
C LEU A 372 36.45 -15.01 5.42
N GLU A 373 37.55 -14.56 4.80
CA GLU A 373 38.43 -13.55 5.42
C GLU A 373 37.83 -12.14 5.38
N SER A 374 37.17 -11.78 4.27
CA SER A 374 36.48 -10.48 4.13
C SER A 374 35.40 -10.28 5.19
N ILE A 375 34.64 -11.33 5.46
CA ILE A 375 33.61 -11.34 6.52
C ILE A 375 34.28 -11.29 7.89
N LYS A 376 35.28 -12.14 8.10
CA LYS A 376 36.11 -12.13 9.33
C LYS A 376 36.73 -10.76 9.66
N ALA A 377 37.02 -9.95 8.65
CA ALA A 377 37.62 -8.62 8.83
C ALA A 377 36.65 -7.56 9.41
N ASN A 378 35.35 -7.85 9.43
CA ASN A 378 34.37 -6.95 10.04
C ASN A 378 33.85 -7.51 11.37
N PRO A 379 34.21 -6.87 12.51
CA PRO A 379 33.81 -7.43 13.79
C PRO A 379 32.28 -7.53 13.99
N VAL A 380 31.51 -6.62 13.39
CA VAL A 380 30.03 -6.68 13.46
C VAL A 380 29.41 -7.80 12.58
N PHE A 381 30.17 -8.40 11.66
CA PHE A 381 29.74 -9.58 10.90
C PHE A 381 30.00 -10.92 11.63
N ASP A 382 30.60 -10.88 12.84
CA ASP A 382 30.85 -12.11 13.63
C ASP A 382 29.64 -13.06 13.73
N TYR A 383 28.46 -12.49 13.87
CA TYR A 383 27.22 -13.29 13.89
C TYR A 383 27.05 -14.22 12.66
N GLN A 384 27.62 -13.83 11.50
CA GLN A 384 27.54 -14.64 10.28
C GLN A 384 28.34 -15.93 10.39
N LEU A 385 29.42 -15.90 11.15
CA LEU A 385 30.26 -17.09 11.39
C LEU A 385 29.54 -18.07 12.31
N TYR A 386 28.86 -17.54 13.32
CA TYR A 386 27.99 -18.36 14.17
C TYR A 386 26.94 -19.11 13.32
N PHE A 387 26.44 -18.47 12.27
CA PHE A 387 25.49 -19.09 11.33
C PHE A 387 26.05 -20.20 10.42
N GLN A 388 27.36 -20.31 10.26
CA GLN A 388 27.90 -21.23 9.24
C GLN A 388 27.67 -22.71 9.53
N GLU A 389 27.73 -23.11 10.81
CA GLU A 389 27.64 -24.52 11.19
C GLU A 389 26.18 -24.98 11.15
N PRO A 390 25.82 -25.87 10.20
CA PRO A 390 24.39 -26.21 10.09
C PRO A 390 23.82 -26.83 11.36
N GLY A 391 22.68 -26.29 11.79
CA GLY A 391 21.89 -26.82 12.88
C GLY A 391 22.03 -26.05 14.19
N VAL A 392 23.18 -25.42 14.39
CA VAL A 392 23.45 -24.72 15.65
C VAL A 392 22.53 -23.49 15.74
N ALA A 393 22.71 -22.56 14.81
CA ALA A 393 21.89 -21.35 14.76
C ALA A 393 20.38 -21.64 14.68
N GLU A 394 20.01 -22.69 13.96
CA GLU A 394 18.61 -23.12 13.84
C GLU A 394 18.01 -23.44 15.20
N ALA A 395 18.75 -24.20 16.01
CA ALA A 395 18.28 -24.67 17.30
C ALA A 395 17.85 -23.50 18.19
N GLU A 396 18.67 -22.45 18.22
CA GLU A 396 18.43 -21.26 19.04
C GLU A 396 17.22 -20.48 18.53
N LEU A 397 17.26 -20.15 17.24
CA LEU A 397 16.20 -19.36 16.61
C LEU A 397 14.83 -20.05 16.68
N GLU A 398 14.81 -21.38 16.53
CA GLU A 398 13.58 -22.16 16.59
C GLU A 398 13.07 -22.43 17.98
N GLN A 399 13.94 -22.40 19.00
CA GLN A 399 13.54 -22.76 20.37
C GLN A 399 12.29 -22.02 20.83
N ASN A 400 12.26 -20.70 20.63
CA ASN A 400 11.13 -19.86 21.06
C ASN A 400 10.85 -18.82 19.98
N LEU A 401 9.98 -19.17 19.03
CA LEU A 401 9.77 -18.32 17.85
C LEU A 401 9.32 -16.90 18.20
N SER A 402 8.38 -16.80 19.16
CA SER A 402 7.91 -15.51 19.68
C SER A 402 9.06 -14.63 20.25
N ARG A 403 9.88 -15.22 21.12
CA ARG A 403 11.06 -14.52 21.67
C ARG A 403 11.94 -13.99 20.54
N THR A 404 12.32 -14.89 19.64
CA THR A 404 13.19 -14.61 18.50
C THR A 404 12.78 -13.36 17.72
N PHE A 405 11.52 -13.28 17.34
CA PHE A 405 11.03 -12.16 16.52
C PHE A 405 10.89 -10.87 17.29
N LYS A 406 10.38 -10.96 18.52
CA LYS A 406 10.32 -9.80 19.42
C LYS A 406 11.72 -9.18 19.74
N SER A 407 12.77 -10.02 19.78
CA SER A 407 14.15 -9.54 20.03
C SER A 407 14.93 -9.13 18.76
N LEU A 408 14.49 -9.54 17.58
CA LEU A 408 15.08 -9.09 16.31
C LEU A 408 14.47 -7.77 15.85
N PHE A 409 13.13 -7.74 15.77
CA PHE A 409 12.38 -6.60 15.23
C PHE A 409 12.29 -5.46 16.24
N ARG A 410 13.37 -4.66 16.29
CA ARG A 410 13.48 -3.54 17.20
C ARG A 410 14.10 -2.34 16.51
N ALA A 411 13.63 -1.15 16.90
CA ALA A 411 14.11 0.11 16.36
C ALA A 411 15.44 0.50 16.99
N SER A 412 16.18 1.35 16.27
CA SER A 412 17.56 1.70 16.61
C SER A 412 17.71 2.04 18.09
N ASP A 413 16.73 2.77 18.61
CA ASP A 413 16.74 3.26 19.99
C ASP A 413 16.08 2.34 21.03
N GLU A 414 15.99 1.04 20.78
CA GLU A 414 15.39 0.13 21.79
C GLU A 414 15.98 -1.26 21.78
N SER A 415 17.23 -1.39 21.35
CA SER A 415 17.81 -2.69 20.99
C SER A 415 18.05 -3.55 22.22
N VAL A 416 18.19 -4.86 21.96
CA VAL A 416 18.66 -5.85 22.96
C VAL A 416 19.90 -6.67 22.50
N LEU A 417 20.28 -6.59 21.21
CA LEU A 417 21.16 -7.59 20.53
C LEU A 417 22.50 -7.08 20.01
N SER A 418 23.60 -7.57 20.60
CA SER A 418 24.93 -7.43 20.02
C SER A 418 25.06 -8.31 18.78
N MET A 419 25.99 -7.94 17.91
CA MET A 419 26.40 -8.73 16.74
C MET A 419 27.87 -9.14 16.78
N HIS A 420 28.71 -8.28 17.36
CA HIS A 420 30.07 -8.67 17.72
C HIS A 420 30.06 -9.66 18.89
N LYS A 421 31.01 -10.59 18.85
CA LYS A 421 31.24 -11.56 19.92
C LYS A 421 30.11 -12.57 20.11
N VAL A 422 29.36 -12.84 19.05
CA VAL A 422 28.23 -13.78 19.12
C VAL A 422 28.70 -15.24 19.16
N CYS A 423 29.77 -15.56 18.45
CA CYS A 423 30.38 -16.89 18.54
C CYS A 423 30.95 -17.13 19.93
N GLU A 424 31.81 -16.21 20.35
CA GLU A 424 32.41 -16.21 21.70
C GLU A 424 31.40 -16.39 22.84
N ALA A 425 30.32 -15.60 22.79
CA ALA A 425 29.24 -15.62 23.79
C ALA A 425 28.38 -16.86 23.75
N GLY A 426 28.40 -17.57 22.62
CA GLY A 426 27.72 -18.84 22.48
C GLY A 426 26.28 -18.75 22.03
N GLY A 427 25.92 -17.68 21.33
CA GLY A 427 24.59 -17.55 20.74
C GLY A 427 24.10 -16.11 20.61
N LEU A 428 23.07 -15.92 19.79
CA LEU A 428 22.43 -14.61 19.58
C LEU A 428 21.79 -14.01 20.82
N PHE A 429 21.00 -14.79 21.55
CA PHE A 429 20.13 -14.26 22.61
C PHE A 429 20.70 -14.35 24.03
N VAL A 430 21.93 -14.85 24.17
CA VAL A 430 22.51 -15.20 25.49
C VAL A 430 22.44 -14.13 26.57
N ASN A 431 22.47 -12.86 26.17
CA ASN A 431 22.27 -11.75 27.08
C ASN A 431 21.06 -10.92 26.62
N SER A 432 19.92 -11.58 26.43
CA SER A 432 18.64 -10.92 26.12
C SER A 432 17.50 -11.78 26.68
N PRO A 433 16.37 -11.16 27.08
CA PRO A 433 15.43 -11.87 27.95
C PRO A 433 14.57 -12.93 27.28
N GLU A 434 13.92 -13.74 28.12
CA GLU A 434 13.02 -14.81 27.68
C GLU A 434 11.74 -14.25 27.09
N GLU A 435 11.22 -13.20 27.73
CA GLU A 435 10.06 -12.48 27.22
C GLU A 435 10.46 -11.03 26.89
N PRO A 436 11.06 -10.79 25.72
CA PRO A 436 11.40 -9.40 25.39
C PRO A 436 10.15 -8.53 25.20
N SER A 437 10.28 -7.23 25.47
CA SER A 437 9.18 -6.30 25.32
C SER A 437 8.74 -6.23 23.85
N LEU A 438 7.50 -5.83 23.62
CA LEU A 438 6.99 -5.59 22.28
C LEU A 438 7.52 -4.26 21.75
N SER A 439 8.29 -4.30 20.65
CA SER A 439 8.75 -3.10 19.95
C SER A 439 7.61 -2.18 19.53
N ARG A 440 7.88 -0.87 19.42
CA ARG A 440 6.91 0.07 18.84
C ARG A 440 6.62 -0.16 17.33
N MET A 441 7.42 -0.96 16.63
CA MET A 441 7.22 -1.21 15.18
C MET A 441 6.15 -2.25 14.80
N VAL A 442 5.70 -3.00 15.80
CA VAL A 442 4.91 -4.21 15.57
C VAL A 442 3.81 -4.36 16.63
N THR A 443 2.64 -4.84 16.22
CA THR A 443 1.62 -5.23 17.18
C THR A 443 1.95 -6.65 17.61
N GLU A 444 1.28 -7.15 18.64
CA GLU A 444 1.44 -8.55 19.05
C GLU A 444 1.01 -9.50 17.92
N GLU A 445 -0.08 -9.15 17.24
CA GLU A 445 -0.66 -9.97 16.15
C GLU A 445 0.34 -10.08 15.02
N GLU A 446 0.92 -8.95 14.63
CA GLU A 446 1.92 -8.89 13.56
C GLU A 446 3.12 -9.83 13.84
N ILE A 447 3.54 -9.92 15.10
CA ILE A 447 4.59 -10.87 15.52
C ILE A 447 4.18 -12.33 15.33
N GLN A 448 2.95 -12.64 15.73
CA GLN A 448 2.44 -14.01 15.61
C GLN A 448 2.23 -14.46 14.16
N PHE A 449 2.09 -13.52 13.22
CA PHE A 449 2.11 -13.88 11.81
C PHE A 449 3.46 -14.51 11.46
N TYR A 450 4.56 -13.81 11.78
CA TYR A 450 5.90 -14.37 11.57
C TYR A 450 6.05 -15.70 12.32
N VAL A 451 5.54 -15.78 13.53
CA VAL A 451 5.60 -17.05 14.26
C VAL A 451 5.00 -18.20 13.43
N GLN A 452 3.80 -18.01 12.87
CA GLN A 452 3.13 -19.07 12.08
C GLN A 452 3.95 -19.47 10.85
N GLN A 453 4.58 -18.50 10.19
CA GLN A 453 5.29 -18.78 8.93
C GLN A 453 6.50 -19.67 9.17
N PHE A 454 7.20 -19.41 10.27
CA PHE A 454 8.41 -20.17 10.58
C PHE A 454 8.12 -21.48 11.33
N LYS A 455 6.86 -21.69 11.72
CA LYS A 455 6.39 -23.03 12.13
C LYS A 455 6.34 -24.00 10.92
N LYS A 456 6.22 -23.47 9.70
CA LYS A 456 6.17 -24.33 8.50
C LYS A 456 7.54 -24.98 8.27
N SER A 457 8.50 -24.20 7.79
CA SER A 457 9.78 -24.75 7.33
C SER A 457 10.99 -24.41 8.22
N GLY A 458 10.78 -23.70 9.33
CA GLY A 458 11.87 -23.39 10.24
C GLY A 458 12.90 -22.45 9.64
N PHE A 459 14.09 -22.49 10.23
CA PHE A 459 15.15 -21.51 9.95
C PHE A 459 16.31 -22.03 9.12
N ARG A 460 16.33 -23.32 8.79
CA ARG A 460 17.47 -23.90 8.07
C ARG A 460 17.57 -23.34 6.65
N GLY A 461 16.44 -23.28 5.96
CA GLY A 461 16.36 -22.64 4.65
C GLY A 461 16.88 -21.21 4.63
N PRO A 462 16.23 -20.31 5.40
CA PRO A 462 16.69 -18.92 5.60
C PRO A 462 18.18 -18.78 5.91
N LEU A 463 18.68 -19.59 6.86
CA LEU A 463 20.09 -19.55 7.26
C LEU A 463 21.03 -19.98 6.15
N ASN A 464 20.63 -20.96 5.33
CA ASN A 464 21.44 -21.41 4.17
C ASN A 464 21.85 -20.25 3.23
N TRP A 465 21.08 -19.16 3.18
CA TRP A 465 21.47 -17.97 2.39
C TRP A 465 22.83 -17.38 2.80
N TYR A 466 23.21 -17.56 4.07
CA TYR A 466 24.53 -17.18 4.58
C TYR A 466 25.63 -18.23 4.34
N ARG A 467 25.29 -19.39 3.78
CA ARG A 467 26.19 -20.55 3.78
C ARG A 467 26.71 -20.92 2.39
N ASN A 468 26.74 -19.96 1.47
CA ASN A 468 27.33 -20.14 0.13
C ASN A 468 28.31 -19.01 -0.17
N MET A 469 29.06 -18.56 0.86
CA MET A 469 29.87 -17.34 0.73
C MET A 469 30.95 -17.54 -0.34
N GLU A 470 31.61 -18.70 -0.32
CA GLU A 470 32.63 -19.07 -1.33
C GLU A 470 32.03 -19.31 -2.73
N ARG A 471 30.87 -19.95 -2.78
CA ARG A 471 30.20 -20.18 -4.06
C ARG A 471 29.71 -18.87 -4.71
N ASN A 472 29.12 -17.97 -3.94
CA ASN A 472 28.69 -16.68 -4.49
C ASN A 472 29.87 -15.85 -4.97
N TRP A 473 31.01 -16.02 -4.32
CA TRP A 473 32.21 -15.29 -4.65
C TRP A 473 32.75 -15.67 -6.04
N LYS A 474 32.89 -16.97 -6.28
CA LYS A 474 33.33 -17.48 -7.58
C LYS A 474 32.39 -17.06 -8.70
N TRP A 475 31.10 -17.03 -8.40
CA TRP A 475 30.11 -16.56 -9.36
C TRP A 475 30.32 -15.08 -9.65
N ALA A 476 30.30 -14.29 -8.59
CA ALA A 476 30.42 -12.83 -8.66
C ALA A 476 31.60 -12.38 -9.50
N CYS A 477 32.72 -13.09 -9.36
CA CYS A 477 33.96 -12.77 -10.09
C CYS A 477 33.85 -12.84 -11.63
N LYS A 478 32.79 -13.47 -12.13
CA LYS A 478 32.41 -13.41 -13.55
C LYS A 478 32.03 -11.99 -14.02
N SER A 479 31.47 -11.20 -13.10
CA SER A 479 30.91 -9.88 -13.38
C SER A 479 31.85 -8.70 -13.14
N LEU A 480 33.14 -8.94 -12.89
CA LEU A 480 34.04 -7.86 -12.48
C LEU A 480 34.34 -6.85 -13.58
N GLY A 481 34.14 -7.25 -14.84
CA GLY A 481 34.31 -6.38 -15.99
C GLY A 481 33.08 -5.58 -16.37
N ARG A 482 31.95 -5.87 -15.71
CA ARG A 482 30.67 -5.25 -16.01
C ARG A 482 30.42 -4.00 -15.20
N LYS A 483 29.38 -3.27 -15.60
CA LYS A 483 28.79 -2.21 -14.79
C LYS A 483 27.26 -2.31 -14.85
N ILE A 484 26.60 -1.63 -13.93
CA ILE A 484 25.16 -1.51 -13.93
C ILE A 484 24.83 -0.13 -14.46
N LEU A 485 24.29 -0.14 -15.68
CA LEU A 485 23.88 1.06 -16.36
C LEU A 485 22.37 1.10 -16.53
N ILE A 486 21.64 0.26 -15.80
CA ILE A 486 20.16 0.34 -15.75
C ILE A 486 19.72 1.22 -14.57
N PRO A 487 18.50 1.79 -14.62
CA PRO A 487 18.11 2.63 -13.48
C PRO A 487 18.26 1.90 -12.13
N ALA A 488 18.87 2.57 -11.17
CA ALA A 488 19.32 1.95 -9.92
C ALA A 488 19.30 2.93 -8.75
N LEU A 489 18.57 2.57 -7.70
CA LEU A 489 18.39 3.39 -6.49
C LEU A 489 18.99 2.67 -5.30
N MET A 490 19.78 3.39 -4.51
CA MET A 490 20.37 2.87 -3.27
C MET A 490 19.84 3.63 -2.04
N VAL A 491 19.13 2.94 -1.14
CA VAL A 491 18.54 3.61 0.02
C VAL A 491 19.24 3.19 1.30
N THR A 492 20.00 4.11 1.88
CA THR A 492 20.74 3.88 3.13
C THR A 492 19.89 4.20 4.38
N ALA A 493 20.17 3.51 5.48
CA ALA A 493 19.50 3.73 6.76
C ALA A 493 20.51 4.21 7.78
N GLU A 494 20.35 5.43 8.30
CA GLU A 494 21.34 6.04 9.22
C GLU A 494 21.85 5.05 10.28
N LYS A 495 20.92 4.53 11.08
CA LYS A 495 21.23 3.73 12.27
C LYS A 495 21.01 2.22 12.09
N ASP A 496 21.21 1.73 10.88
CA ASP A 496 21.42 0.31 10.64
C ASP A 496 22.90 0.11 10.95
N PHE A 497 23.18 -0.52 12.10
CA PHE A 497 24.54 -0.68 12.58
C PHE A 497 25.30 -1.83 11.91
N VAL A 498 24.65 -2.61 11.04
CA VAL A 498 25.28 -3.72 10.32
C VAL A 498 25.51 -3.34 8.85
N LEU A 499 24.44 -3.05 8.13
CA LEU A 499 24.54 -2.46 6.80
C LEU A 499 24.61 -0.95 6.96
N VAL A 500 25.80 -0.47 7.26
CA VAL A 500 26.07 0.94 7.50
C VAL A 500 26.13 1.64 6.14
N PRO A 501 25.59 2.88 6.05
CA PRO A 501 25.65 3.71 4.83
C PRO A 501 27.04 3.87 4.21
N GLN A 502 28.08 3.97 5.04
CA GLN A 502 29.50 3.92 4.64
C GLN A 502 29.83 2.81 3.65
N MET A 503 29.35 1.59 3.89
CA MET A 503 29.54 0.46 2.94
C MET A 503 29.10 0.78 1.49
N SER A 504 28.16 1.72 1.31
CA SER A 504 27.66 2.10 -0.03
C SER A 504 28.49 3.17 -0.80
N GLN A 505 29.53 3.73 -0.19
CA GLN A 505 30.20 4.93 -0.73
C GLN A 505 30.89 4.74 -2.09
N HIS A 506 31.36 3.53 -2.38
CA HIS A 506 32.07 3.24 -3.63
C HIS A 506 31.16 2.80 -4.78
N MET A 507 29.86 2.66 -4.52
CA MET A 507 28.94 2.13 -5.52
C MET A 507 28.92 2.89 -6.86
N GLU A 508 29.29 4.18 -6.86
CA GLU A 508 29.24 4.99 -8.10
C GLU A 508 30.21 4.48 -9.17
N ASP A 509 31.35 3.90 -8.75
CA ASP A 509 32.34 3.30 -9.69
C ASP A 509 31.71 2.24 -10.61
N TRP A 510 30.91 1.36 -10.02
CA TRP A 510 30.20 0.29 -10.72
C TRP A 510 28.87 0.72 -11.30
N ILE A 511 28.24 1.73 -10.68
CA ILE A 511 26.88 2.17 -11.06
C ILE A 511 26.92 3.71 -11.24
N PRO A 512 27.27 4.19 -12.46
CA PRO A 512 27.52 5.62 -12.65
C PRO A 512 26.33 6.56 -12.46
N HIS A 513 25.15 6.19 -12.97
CA HIS A 513 23.90 6.99 -12.79
C HIS A 513 23.02 6.47 -11.64
N LEU A 514 23.67 6.00 -10.58
CA LEU A 514 22.99 5.55 -9.38
C LEU A 514 22.39 6.75 -8.66
N LYS A 515 21.12 6.62 -8.30
CA LYS A 515 20.40 7.61 -7.50
C LYS A 515 20.34 7.12 -6.07
N ARG A 516 20.08 8.03 -5.14
CA ARG A 516 20.17 7.71 -3.71
C ARG A 516 18.97 8.18 -2.91
N GLY A 517 18.78 7.53 -1.77
CA GLY A 517 17.80 7.92 -0.77
C GLY A 517 18.46 7.63 0.56
N HIS A 518 18.11 8.41 1.56
CA HIS A 518 18.67 8.23 2.89
C HIS A 518 17.56 8.51 3.90
N ILE A 519 17.62 7.83 5.04
CA ILE A 519 16.60 7.90 6.08
C ILE A 519 17.30 8.06 7.43
N GLU A 520 17.01 9.19 8.08
CA GLU A 520 17.57 9.53 9.39
C GLU A 520 16.81 8.67 10.39
N ASP A 521 17.42 8.37 11.54
CA ASP A 521 16.74 7.61 12.61
C ASP A 521 16.01 6.40 12.04
N CYS A 522 16.77 5.41 11.59
CA CYS A 522 16.16 4.25 10.93
C CYS A 522 17.06 3.05 11.05
N GLY A 523 16.57 2.02 11.70
CA GLY A 523 17.34 0.80 11.92
C GLY A 523 17.39 -0.09 10.71
N HIS A 524 17.59 -1.37 10.96
CA HIS A 524 17.73 -2.37 9.91
C HIS A 524 16.40 -2.66 9.23
N TRP A 525 15.31 -2.59 9.98
CA TRP A 525 14.00 -3.05 9.53
C TRP A 525 13.27 -1.87 8.91
N THR A 526 13.84 -1.37 7.82
CA THR A 526 13.43 -0.12 7.18
C THR A 526 11.92 0.00 6.88
N GLN A 527 11.35 -1.05 6.29
CA GLN A 527 9.97 -1.04 5.85
C GLN A 527 8.95 -0.71 6.95
N MET A 528 9.13 -1.27 8.14
CA MET A 528 8.20 -1.03 9.28
C MET A 528 8.62 0.09 10.25
N ASP A 529 9.87 0.57 10.10
CA ASP A 529 10.48 1.58 10.96
C ASP A 529 10.11 2.97 10.47
N LYS A 530 10.33 3.22 9.17
CA LYS A 530 9.98 4.48 8.52
C LYS A 530 9.19 4.22 7.22
N PRO A 531 8.02 3.53 7.32
CA PRO A 531 7.21 3.17 6.14
C PRO A 531 6.87 4.34 5.23
N THR A 532 6.45 5.47 5.80
CA THR A 532 6.09 6.64 5.00
C THR A 532 7.25 7.18 4.14
N GLU A 533 8.44 7.23 4.74
CA GLU A 533 9.64 7.75 4.05
C GLU A 533 10.10 6.77 2.97
N VAL A 534 10.01 5.48 3.27
CA VAL A 534 10.33 4.43 2.29
C VAL A 534 9.34 4.48 1.12
N ASN A 535 8.04 4.54 1.43
CA ASN A 535 6.99 4.62 0.41
C ASN A 535 7.22 5.83 -0.48
N GLN A 536 7.54 6.95 0.13
CA GLN A 536 7.68 8.20 -0.59
C GLN A 536 8.91 8.18 -1.50
N ILE A 537 10.05 7.79 -0.96
CA ILE A 537 11.31 7.65 -1.73
C ILE A 537 11.16 6.71 -2.94
N LEU A 538 10.57 5.55 -2.71
CA LEU A 538 10.33 4.56 -3.77
C LEU A 538 9.37 5.03 -4.86
N ILE A 539 8.31 5.74 -4.49
CA ILE A 539 7.32 6.18 -5.48
C ILE A 539 7.92 7.25 -6.45
N LYS A 540 8.70 8.18 -5.90
CA LYS A 540 9.33 9.25 -6.70
C LYS A 540 10.23 8.68 -7.78
N TRP A 541 11.11 7.76 -7.34
CA TRP A 541 12.03 7.02 -8.19
C TRP A 541 11.30 6.23 -9.27
N LEU A 542 10.33 5.42 -8.83
CA LEU A 542 9.49 4.64 -9.75
C LEU A 542 8.86 5.48 -10.85
N ASP A 543 8.27 6.62 -10.48
CA ASP A 543 7.62 7.50 -11.44
C ASP A 543 8.57 8.18 -12.44
N SER A 544 9.78 8.52 -12.01
CA SER A 544 10.78 9.09 -12.91
C SER A 544 11.65 8.05 -13.63
N ASP A 545 11.95 6.92 -12.98
CA ASP A 545 12.92 5.93 -13.50
C ASP A 545 12.38 4.59 -14.03
N ALA A 546 11.06 4.38 -14.03
CA ALA A 546 10.48 3.10 -14.47
C ALA A 546 9.20 3.24 -15.33
N ARG A 547 9.26 4.09 -16.35
CA ARG A 547 8.09 4.41 -17.21
C ARG A 547 8.40 4.68 -18.70
N ASN A 548 7.35 4.65 -19.52
CA ASN A 548 7.48 4.74 -21.00
C ASN A 548 7.51 6.17 -21.54
#